data_2YYV
#
_entry.id   2YYV
#
_cell.length_a   68.585
_cell.length_b   72.414
_cell.length_c   178.483
_cell.angle_alpha   90.00
_cell.angle_beta   90.00
_cell.angle_gamma   90.00
#
_symmetry.space_group_name_H-M   'C 2 2 21'
#
loop_
_entity.id
_entity.type
_entity.pdbx_description
1 polymer 'Probable 2-phosphosulfolactate phosphatase'
2 water water
#
_entity_poly.entity_id   1
_entity_poly.type   'polypeptide(L)'
_entity_poly.pdbx_seq_one_letter_code
;MVDVVMAPCSPVECRTAVVIDVLRATSTIVTALSNGASGVIPVKTIEEALEKKKEGVLICGERNAQKPKGFNLGNSPLEY
RKEKISGKTIVLTTTNGTQVIEKIRSEEIIAASFLNLSAVVEYLKSKEDILLVCAGTNGRFSLEDFLLAGAIVKRLKRND
LGDGAHAAERYFESVENTREEIKKHSSHAKRLISLGFENDIEFCTTEDLFKTVPALVNGVFILKEFP
;
_entity_poly.pdbx_strand_id   A,B
#
# COMPACT_ATOMS: atom_id res chain seq x y z
N VAL A 2 -7.04 -11.27 7.94
CA VAL A 2 -8.28 -10.90 7.20
C VAL A 2 -7.99 -9.87 6.11
N ASP A 3 -7.08 -8.95 6.38
CA ASP A 3 -6.73 -7.96 5.36
C ASP A 3 -5.23 -7.68 5.43
N VAL A 4 -4.72 -6.98 4.41
CA VAL A 4 -3.32 -6.64 4.32
C VAL A 4 -3.18 -5.14 4.07
N VAL A 5 -2.24 -4.51 4.75
CA VAL A 5 -1.98 -3.09 4.56
C VAL A 5 -0.47 -2.95 4.33
N MET A 6 -0.10 -2.12 3.37
CA MET A 6 1.31 -1.90 3.05
C MET A 6 1.68 -0.49 3.50
N ALA A 7 2.59 -0.41 4.47
CA ALA A 7 3.04 0.88 4.99
C ALA A 7 1.86 1.82 5.28
N PRO A 8 1.06 1.50 6.31
CA PRO A 8 -0.09 2.32 6.69
C PRO A 8 0.34 3.72 7.15
N CYS A 9 -0.50 4.71 6.88
CA CYS A 9 -0.18 6.09 7.26
C CYS A 9 -0.75 6.49 8.61
N SER A 10 -1.97 6.07 8.88
CA SER A 10 -2.63 6.38 10.14
C SER A 10 -2.76 5.09 10.96
N PRO A 11 -3.07 5.23 12.26
CA PRO A 11 -3.20 4.03 13.10
C PRO A 11 -4.30 3.10 12.60
N VAL A 12 -3.97 1.83 12.45
CA VAL A 12 -4.94 0.83 12.00
C VAL A 12 -5.33 -0.02 13.19
N GLU A 13 -6.63 -0.16 13.41
CA GLU A 13 -7.11 -0.95 14.53
C GLU A 13 -7.48 -2.37 14.11
N CYS A 14 -7.08 -3.33 14.94
CA CYS A 14 -7.37 -4.74 14.68
C CYS A 14 -7.14 -5.59 15.93
N ARG A 15 -7.87 -6.70 16.01
CA ARG A 15 -7.78 -7.62 17.15
C ARG A 15 -6.44 -8.34 17.17
N THR A 16 -5.98 -8.77 16.01
CA THR A 16 -4.71 -9.48 15.88
C THR A 16 -3.90 -8.89 14.74
N ALA A 17 -2.65 -8.51 15.01
CA ALA A 17 -1.79 -7.93 14.00
C ALA A 17 -0.50 -8.71 13.79
N VAL A 18 -0.06 -8.76 12.53
CA VAL A 18 1.17 -9.45 12.17
C VAL A 18 2.07 -8.45 11.46
N VAL A 19 3.22 -8.17 12.05
CA VAL A 19 4.17 -7.24 11.45
C VAL A 19 5.07 -7.99 10.50
N ILE A 20 5.22 -7.47 9.29
CA ILE A 20 6.04 -8.10 8.27
C ILE A 20 7.07 -7.16 7.67
N ASP A 21 8.35 -7.52 7.83
CA ASP A 21 9.48 -6.76 7.28
C ASP A 21 10.46 -7.89 6.95
N VAL A 22 10.06 -8.70 5.98
CA VAL A 22 10.84 -9.87 5.57
C VAL A 22 12.30 -9.63 5.32
N LEU A 23 12.59 -8.68 4.45
CA LEU A 23 14.00 -8.50 4.23
C LEU A 23 14.65 -7.88 5.42
N ARG A 24 14.93 -8.82 6.32
CA ARG A 24 15.63 -8.62 7.55
C ARG A 24 14.94 -8.21 8.84
N ALA A 25 14.33 -7.02 8.96
CA ALA A 25 13.75 -6.66 10.26
C ALA A 25 13.00 -7.77 11.02
N THR A 26 11.91 -8.29 10.47
CA THR A 26 11.22 -9.35 11.21
C THR A 26 11.96 -10.69 11.11
N SER A 27 12.76 -10.86 10.07
CA SER A 27 13.53 -12.10 9.94
C SER A 27 14.59 -12.06 11.05
N THR A 28 15.14 -10.89 11.31
CA THR A 28 16.14 -10.73 12.37
C THR A 28 15.50 -10.98 13.73
N ILE A 29 14.32 -10.41 13.95
CA ILE A 29 13.62 -10.59 15.22
C ILE A 29 13.32 -12.07 15.47
N VAL A 30 12.83 -12.77 14.46
CA VAL A 30 12.52 -14.19 14.59
C VAL A 30 13.79 -15.01 14.83
N THR A 31 14.84 -14.70 14.08
CA THR A 31 16.10 -15.42 14.20
C THR A 31 16.72 -15.20 15.58
N ALA A 32 16.75 -13.95 16.03
CA ALA A 32 17.32 -13.62 17.33
C ALA A 32 16.65 -14.38 18.47
N LEU A 33 15.32 -14.31 18.56
CA LEU A 33 14.60 -14.98 19.63
C LEU A 33 14.70 -16.50 19.50
N SER A 34 14.74 -16.99 18.28
CA SER A 34 14.83 -18.42 18.04
C SER A 34 16.22 -18.93 18.45
N ASN A 35 17.18 -18.02 18.52
CA ASN A 35 18.55 -18.41 18.90
C ASN A 35 18.96 -18.02 20.31
N GLY A 36 17.98 -17.82 21.20
CA GLY A 36 18.31 -17.51 22.57
C GLY A 36 18.13 -16.10 23.14
N ALA A 37 17.97 -15.10 22.30
CA ALA A 37 17.81 -13.74 22.79
C ALA A 37 16.68 -13.66 23.81
N SER A 38 16.88 -12.87 24.86
CA SER A 38 15.87 -12.71 25.90
C SER A 38 14.68 -11.91 25.39
N GLY A 39 14.97 -11.01 24.46
CA GLY A 39 13.93 -10.18 23.88
C GLY A 39 14.54 -9.22 22.88
N VAL A 40 13.71 -8.64 22.02
CA VAL A 40 14.18 -7.69 21.03
C VAL A 40 13.37 -6.42 21.21
N ILE A 41 14.04 -5.33 21.59
CA ILE A 41 13.40 -4.05 21.83
C ILE A 41 13.51 -3.08 20.66
N PRO A 42 12.39 -2.78 19.98
CA PRO A 42 12.41 -1.85 18.86
C PRO A 42 12.72 -0.44 19.37
N VAL A 43 13.69 0.23 18.75
CA VAL A 43 14.09 1.59 19.13
C VAL A 43 14.08 2.49 17.90
N LYS A 44 13.63 3.73 18.08
CA LYS A 44 13.50 4.68 16.98
C LYS A 44 14.80 5.22 16.38
N THR A 45 15.59 5.92 17.19
CA THR A 45 16.83 6.53 16.70
C THR A 45 18.10 5.82 17.15
N ILE A 46 19.19 6.13 16.45
CA ILE A 46 20.50 5.56 16.77
C ILE A 46 20.92 6.13 18.12
N GLU A 47 20.57 7.37 18.35
CA GLU A 47 20.90 8.06 19.60
C GLU A 47 20.35 7.28 20.80
N GLU A 48 19.08 6.91 20.72
CA GLU A 48 18.43 6.17 21.79
C GLU A 48 19.04 4.78 21.96
N ALA A 49 19.25 4.09 20.86
CA ALA A 49 19.82 2.75 20.88
C ALA A 49 21.15 2.70 21.61
N LEU A 50 22.01 3.67 21.32
CA LEU A 50 23.34 3.74 21.94
C LEU A 50 23.28 3.96 23.45
N GLU A 51 22.33 4.77 23.91
CA GLU A 51 22.20 5.06 25.33
C GLU A 51 21.86 3.82 26.16
N LYS A 52 21.12 2.88 25.57
CA LYS A 52 20.74 1.67 26.28
C LYS A 52 21.88 0.67 26.41
N LYS A 53 23.08 1.10 26.05
CA LYS A 53 24.25 0.23 26.13
C LYS A 53 24.57 -0.14 27.58
N LYS A 54 24.79 -1.43 27.81
CA LYS A 54 25.13 -1.94 29.13
C LYS A 54 25.36 -3.44 29.06
N GLU A 55 26.01 -4.00 30.07
CA GLU A 55 26.29 -5.43 30.10
C GLU A 55 25.01 -6.24 29.92
N GLY A 56 25.06 -7.22 29.00
CA GLY A 56 23.90 -8.06 28.75
C GLY A 56 23.00 -7.51 27.66
N VAL A 57 23.40 -6.40 27.06
CA VAL A 57 22.62 -5.78 26.00
C VAL A 57 23.48 -5.53 24.76
N LEU A 58 22.90 -5.79 23.59
CA LEU A 58 23.59 -5.57 22.33
C LEU A 58 22.80 -4.56 21.53
N ILE A 59 23.51 -3.57 20.98
CA ILE A 59 22.88 -2.53 20.18
C ILE A 59 22.95 -2.97 18.72
N CYS A 60 21.79 -3.16 18.10
CA CYS A 60 21.76 -3.66 16.73
C CYS A 60 20.85 -2.89 15.79
N GLY A 61 21.07 -3.07 14.50
CA GLY A 61 20.22 -2.40 13.53
C GLY A 61 20.93 -1.94 12.27
N GLU A 62 20.25 -1.09 11.52
CA GLU A 62 20.80 -0.58 10.28
C GLU A 62 20.26 0.77 9.88
N ARG A 63 20.98 1.37 8.95
CA ARG A 63 20.66 2.63 8.31
C ARG A 63 21.37 2.41 6.98
N ASN A 64 20.65 2.57 5.88
CA ASN A 64 21.22 2.33 4.56
C ASN A 64 21.68 0.87 4.46
N ALA A 65 21.05 0.00 5.26
CA ALA A 65 21.31 -1.43 5.31
C ALA A 65 22.63 -1.83 5.95
N GLN A 66 23.38 -0.84 6.42
CA GLN A 66 24.68 -1.09 7.03
C GLN A 66 24.65 -0.88 8.55
N LYS A 67 25.52 -1.60 9.26
CA LYS A 67 25.59 -1.48 10.71
C LYS A 67 26.15 -0.11 11.10
N PRO A 68 25.41 0.64 11.92
CA PRO A 68 25.83 1.97 12.38
C PRO A 68 27.08 1.91 13.25
N LYS A 69 27.87 2.99 13.24
CA LYS A 69 29.08 3.04 14.05
C LYS A 69 28.70 2.91 15.52
N GLY A 70 29.44 2.08 16.25
CA GLY A 70 29.16 1.89 17.66
C GLY A 70 28.29 0.68 17.96
N PHE A 71 27.58 0.21 16.95
CA PHE A 71 26.68 -0.94 17.10
C PHE A 71 27.42 -2.28 17.16
N ASN A 72 26.79 -3.26 17.80
CA ASN A 72 27.37 -4.59 17.91
C ASN A 72 27.06 -5.42 16.68
N LEU A 73 25.79 -5.39 16.24
CA LEU A 73 25.38 -6.15 15.07
C LEU A 73 24.58 -5.31 14.08
N GLY A 74 24.57 -5.76 12.82
CA GLY A 74 23.84 -5.06 11.79
C GLY A 74 22.43 -5.63 11.72
N ASN A 75 21.84 -5.66 10.52
CA ASN A 75 20.49 -6.21 10.39
C ASN A 75 20.47 -7.46 9.52
N SER A 76 21.56 -8.22 9.58
CA SER A 76 21.64 -9.47 8.83
C SER A 76 21.30 -10.57 9.82
N PRO A 77 20.24 -11.36 9.54
CA PRO A 77 19.88 -12.43 10.48
C PRO A 77 21.05 -13.40 10.73
N LEU A 78 21.90 -13.59 9.73
CA LEU A 78 23.03 -14.51 9.88
C LEU A 78 23.97 -14.10 11.01
N GLU A 79 23.87 -12.86 11.47
CA GLU A 79 24.72 -12.35 12.56
C GLU A 79 24.21 -12.75 13.93
N TYR A 80 22.94 -13.10 14.03
CA TYR A 80 22.34 -13.43 15.30
C TYR A 80 22.44 -14.90 15.70
N ARG A 81 23.68 -15.33 15.89
CA ARG A 81 23.98 -16.71 16.28
C ARG A 81 23.81 -16.90 17.79
N LYS A 82 23.41 -18.10 18.18
CA LYS A 82 23.19 -18.42 19.59
C LYS A 82 24.45 -18.17 20.42
N GLU A 83 25.60 -18.55 19.89
CA GLU A 83 26.86 -18.37 20.60
C GLU A 83 27.21 -16.91 20.83
N LYS A 84 26.48 -16.01 20.18
CA LYS A 84 26.73 -14.59 20.32
C LYS A 84 25.64 -13.80 21.05
N ILE A 85 24.38 -14.20 20.90
CA ILE A 85 23.29 -13.46 21.53
C ILE A 85 22.46 -14.21 22.56
N SER A 86 22.73 -15.50 22.75
CA SER A 86 21.95 -16.28 23.71
C SER A 86 21.93 -15.65 25.10
N GLY A 87 20.73 -15.35 25.58
CA GLY A 87 20.57 -14.77 26.91
C GLY A 87 20.65 -13.26 26.99
N LYS A 88 21.01 -12.60 25.89
CA LYS A 88 21.12 -11.15 25.87
C LYS A 88 19.91 -10.45 25.30
N THR A 89 19.72 -9.19 25.70
CA THR A 89 18.61 -8.39 25.20
C THR A 89 19.10 -7.71 23.94
N ILE A 90 18.28 -7.70 22.90
CA ILE A 90 18.63 -7.07 21.64
C ILE A 90 17.90 -5.75 21.46
N VAL A 91 18.65 -4.65 21.39
CA VAL A 91 18.05 -3.34 21.15
C VAL A 91 18.17 -3.25 19.64
N LEU A 92 17.05 -3.10 18.95
CA LEU A 92 17.07 -3.05 17.48
C LEU A 92 16.44 -1.81 16.87
N THR A 93 17.23 -1.09 16.07
CA THR A 93 16.70 0.08 15.41
C THR A 93 16.94 -0.03 13.91
N THR A 94 15.85 -0.03 13.15
CA THR A 94 15.93 -0.10 11.69
C THR A 94 15.22 1.10 11.10
N THR A 95 15.64 1.51 9.91
CA THR A 95 15.12 2.68 9.22
C THR A 95 13.74 3.19 9.64
N ASN A 96 12.70 2.38 9.45
CA ASN A 96 11.35 2.81 9.82
C ASN A 96 10.65 1.81 10.72
N GLY A 97 11.44 1.09 11.50
CA GLY A 97 10.89 0.08 12.40
C GLY A 97 9.79 0.55 13.33
N THR A 98 10.12 1.45 14.25
CA THR A 98 9.13 1.93 15.20
C THR A 98 7.99 2.71 14.57
N GLN A 99 8.25 3.40 13.46
CA GLN A 99 7.21 4.16 12.78
C GLN A 99 6.06 3.25 12.37
N VAL A 100 6.38 2.07 11.84
CA VAL A 100 5.37 1.11 11.42
C VAL A 100 4.63 0.52 12.62
N ILE A 101 5.39 0.09 13.63
CA ILE A 101 4.79 -0.50 14.83
C ILE A 101 3.81 0.49 15.47
N GLU A 102 4.15 1.77 15.47
CA GLU A 102 3.31 2.80 16.08
C GLU A 102 1.93 2.92 15.42
N LYS A 103 1.84 2.51 14.16
CA LYS A 103 0.59 2.58 13.43
C LYS A 103 -0.37 1.45 13.80
N ILE A 104 0.16 0.41 14.44
CA ILE A 104 -0.66 -0.74 14.80
C ILE A 104 -1.42 -0.61 16.12
N ARG A 105 -2.70 -0.31 16.03
CA ARG A 105 -3.54 -0.18 17.22
C ARG A 105 -4.17 -1.55 17.50
N SER A 106 -3.38 -2.43 18.10
CA SER A 106 -3.83 -3.79 18.41
C SER A 106 -3.25 -4.29 19.72
N GLU A 107 -4.04 -5.11 20.43
CA GLU A 107 -3.60 -5.66 21.70
C GLU A 107 -2.75 -6.91 21.50
N GLU A 108 -2.78 -7.47 20.29
CA GLU A 108 -2.03 -8.68 19.98
C GLU A 108 -1.21 -8.50 18.70
N ILE A 109 0.10 -8.32 18.86
CA ILE A 109 1.00 -8.12 17.74
C ILE A 109 2.12 -9.17 17.69
N ILE A 110 2.24 -9.86 16.57
CA ILE A 110 3.30 -10.87 16.40
C ILE A 110 4.14 -10.53 15.18
N ALA A 111 5.31 -11.14 15.07
CA ALA A 111 6.21 -10.89 13.95
C ALA A 111 6.33 -12.12 13.05
N ALA A 112 6.34 -11.91 11.74
CA ALA A 112 6.44 -13.01 10.79
C ALA A 112 7.49 -12.83 9.69
N SER A 113 7.98 -13.96 9.20
CA SER A 113 8.96 -14.02 8.14
C SER A 113 8.70 -15.36 7.46
N PHE A 114 9.37 -15.64 6.36
CA PHE A 114 9.19 -16.94 5.74
C PHE A 114 9.77 -17.97 6.71
N LEU A 115 10.77 -17.54 7.46
CA LEU A 115 11.44 -18.39 8.44
C LEU A 115 10.52 -19.11 9.43
N ASN A 116 9.40 -18.47 9.79
CA ASN A 116 8.47 -19.08 10.75
C ASN A 116 7.05 -19.05 10.22
N LEU A 117 6.93 -19.14 8.91
CA LEU A 117 5.63 -19.08 8.23
C LEU A 117 4.59 -20.04 8.77
N SER A 118 4.90 -21.33 8.82
CA SER A 118 3.93 -22.29 9.31
C SER A 118 3.53 -22.06 10.77
N ALA A 119 4.49 -21.69 11.61
CA ALA A 119 4.19 -21.43 13.01
C ALA A 119 3.22 -20.26 13.15
N VAL A 120 3.41 -19.24 12.31
CA VAL A 120 2.55 -18.06 12.33
C VAL A 120 1.13 -18.42 11.90
N VAL A 121 1.02 -19.20 10.83
CA VAL A 121 -0.29 -19.62 10.35
C VAL A 121 -1.02 -20.41 11.42
N GLU A 122 -0.32 -21.35 12.07
CA GLU A 122 -0.94 -22.14 13.14
C GLU A 122 -1.41 -21.26 14.28
N TYR A 123 -0.61 -20.23 14.60
CA TYR A 123 -0.96 -19.29 15.66
C TYR A 123 -2.23 -18.52 15.33
N LEU A 124 -2.38 -18.13 14.07
CA LEU A 124 -3.52 -17.36 13.60
C LEU A 124 -4.81 -18.13 13.37
N LYS A 125 -4.72 -19.45 13.27
CA LYS A 125 -5.90 -20.29 13.04
C LYS A 125 -7.12 -19.91 13.86
N SER A 126 -6.92 -19.69 15.15
CA SER A 126 -8.01 -19.35 16.05
C SER A 126 -8.19 -17.85 16.27
N LYS A 127 -7.57 -17.03 15.41
CA LYS A 127 -7.65 -15.59 15.54
C LYS A 127 -8.66 -14.93 14.61
N GLU A 128 -9.35 -13.92 15.12
CA GLU A 128 -10.33 -13.17 14.35
C GLU A 128 -9.78 -11.78 14.09
N ASP A 129 -10.34 -11.10 13.11
CA ASP A 129 -9.93 -9.74 12.78
C ASP A 129 -8.42 -9.61 12.68
N ILE A 130 -7.83 -10.31 11.71
CA ILE A 130 -6.39 -10.30 11.50
C ILE A 130 -5.98 -9.24 10.49
N LEU A 131 -4.92 -8.51 10.79
CA LEU A 131 -4.42 -7.52 9.87
C LEU A 131 -2.94 -7.79 9.68
N LEU A 132 -2.53 -8.04 8.44
CA LEU A 132 -1.12 -8.28 8.15
C LEU A 132 -0.57 -6.93 7.74
N VAL A 133 0.37 -6.43 8.54
CA VAL A 133 0.96 -5.12 8.31
C VAL A 133 2.35 -5.18 7.69
N CYS A 134 2.44 -4.88 6.41
CA CYS A 134 3.71 -4.88 5.70
C CYS A 134 4.40 -3.54 5.91
N ALA A 135 5.67 -3.58 6.30
CA ALA A 135 6.42 -2.36 6.58
C ALA A 135 6.71 -1.49 5.36
N GLY A 136 6.97 -2.12 4.23
CA GLY A 136 7.30 -1.37 3.04
C GLY A 136 8.76 -0.96 3.14
N THR A 137 9.26 -0.28 2.11
CA THR A 137 10.65 0.14 2.10
C THR A 137 10.77 1.58 1.63
N ASN A 138 11.19 2.46 2.53
CA ASN A 138 11.34 3.88 2.23
C ASN A 138 10.07 4.50 1.67
N GLY A 139 8.93 4.00 2.14
CA GLY A 139 7.65 4.53 1.68
C GLY A 139 7.11 3.85 0.44
N ARG A 140 7.90 2.95 -0.15
CA ARG A 140 7.45 2.24 -1.34
C ARG A 140 6.96 0.83 -1.04
N PHE A 141 6.27 0.26 -2.01
CA PHE A 141 5.71 -1.07 -1.91
C PHE A 141 6.87 -2.07 -1.76
N SER A 142 6.72 -3.04 -0.87
CA SER A 142 7.75 -4.07 -0.69
C SER A 142 7.21 -5.39 -1.21
N LEU A 143 7.79 -5.88 -2.29
CA LEU A 143 7.33 -7.13 -2.89
C LEU A 143 7.45 -8.32 -1.94
N GLU A 144 8.58 -8.44 -1.25
CA GLU A 144 8.76 -9.57 -0.34
C GLU A 144 7.78 -9.58 0.83
N ASP A 145 7.44 -8.41 1.36
CA ASP A 145 6.47 -8.36 2.47
C ASP A 145 5.12 -8.81 1.93
N PHE A 146 4.74 -8.28 0.76
CA PHE A 146 3.46 -8.59 0.14
C PHE A 146 3.34 -10.08 -0.17
N LEU A 147 4.46 -10.67 -0.61
CA LEU A 147 4.46 -12.10 -0.94
C LEU A 147 4.23 -12.96 0.31
N LEU A 148 4.88 -12.62 1.42
CA LEU A 148 4.67 -13.38 2.65
C LEU A 148 3.23 -13.20 3.12
N ALA A 149 2.71 -11.97 3.02
CA ALA A 149 1.33 -11.71 3.43
C ALA A 149 0.39 -12.60 2.63
N GLY A 150 0.64 -12.68 1.32
CA GLY A 150 -0.19 -13.49 0.44
C GLY A 150 -0.09 -14.95 0.80
N ALA A 151 1.12 -15.39 1.17
CA ALA A 151 1.34 -16.78 1.54
C ALA A 151 0.54 -17.13 2.78
N ILE A 152 0.53 -16.23 3.75
CA ILE A 152 -0.22 -16.43 4.98
C ILE A 152 -1.71 -16.47 4.70
N VAL A 153 -2.19 -15.50 3.92
CA VAL A 153 -3.60 -15.44 3.56
C VAL A 153 -4.06 -16.74 2.89
N LYS A 154 -3.28 -17.23 1.94
CA LYS A 154 -3.63 -18.45 1.22
C LYS A 154 -3.71 -19.66 2.17
N ARG A 155 -2.81 -19.72 3.13
CA ARG A 155 -2.80 -20.84 4.08
C ARG A 155 -4.00 -20.83 5.03
N LEU A 156 -4.47 -19.64 5.39
CA LEU A 156 -5.61 -19.51 6.31
C LEU A 156 -6.96 -19.85 5.69
N LYS A 157 -7.09 -19.61 4.39
CA LYS A 157 -8.33 -19.89 3.67
C LYS A 157 -9.57 -19.42 4.41
N ARG A 158 -9.63 -18.11 4.68
CA ARG A 158 -10.76 -17.50 5.37
C ARG A 158 -11.85 -17.15 4.35
N ASN A 159 -13.07 -16.92 4.84
CA ASN A 159 -14.18 -16.57 3.96
C ASN A 159 -14.44 -15.07 3.93
N ASP A 160 -13.56 -14.32 4.57
CA ASP A 160 -13.70 -12.86 4.62
C ASP A 160 -12.36 -12.19 4.41
N LEU A 161 -12.07 -11.84 3.17
CA LEU A 161 -10.81 -11.18 2.86
C LEU A 161 -11.00 -9.73 2.46
N GLY A 162 -10.17 -8.86 3.02
CA GLY A 162 -10.22 -7.46 2.66
C GLY A 162 -9.50 -7.31 1.33
N ASP A 163 -9.59 -6.14 0.73
CA ASP A 163 -8.97 -5.86 -0.56
C ASP A 163 -7.48 -6.24 -0.63
N GLY A 164 -6.73 -5.84 0.40
CA GLY A 164 -5.31 -6.14 0.44
C GLY A 164 -4.99 -7.61 0.48
N ALA A 165 -5.77 -8.37 1.25
CA ALA A 165 -5.59 -9.81 1.40
C ALA A 165 -5.89 -10.53 0.09
N HIS A 166 -6.95 -10.12 -0.60
CA HIS A 166 -7.31 -10.74 -1.86
C HIS A 166 -6.20 -10.49 -2.90
N ALA A 167 -5.74 -9.25 -2.99
CA ALA A 167 -4.69 -8.92 -3.95
C ALA A 167 -3.40 -9.68 -3.62
N ALA A 168 -3.06 -9.75 -2.34
CA ALA A 168 -1.84 -10.44 -1.91
C ALA A 168 -1.93 -11.92 -2.21
N GLU A 169 -3.09 -12.52 -1.96
CA GLU A 169 -3.29 -13.94 -2.24
C GLU A 169 -3.14 -14.23 -3.73
N ARG A 170 -3.79 -13.42 -4.55
CA ARG A 170 -3.69 -13.61 -6.00
C ARG A 170 -2.24 -13.45 -6.45
N TYR A 171 -1.54 -12.46 -5.90
CA TYR A 171 -0.14 -12.27 -6.27
C TYR A 171 0.70 -13.48 -5.86
N PHE A 172 0.46 -13.97 -4.65
CA PHE A 172 1.20 -15.15 -4.16
C PHE A 172 0.98 -16.34 -5.09
N GLU A 173 -0.25 -16.51 -5.57
CA GLU A 173 -0.57 -17.63 -6.46
C GLU A 173 0.18 -17.58 -7.79
N SER A 174 0.65 -16.41 -8.17
CA SER A 174 1.36 -16.24 -9.43
C SER A 174 2.85 -16.52 -9.34
N VAL A 175 3.34 -16.76 -8.12
CA VAL A 175 4.76 -17.00 -7.89
C VAL A 175 5.12 -18.48 -7.83
N GLU A 176 6.00 -18.91 -8.73
CA GLU A 176 6.42 -20.30 -8.77
C GLU A 176 7.57 -20.56 -7.81
N ASN A 177 8.49 -19.60 -7.70
CA ASN A 177 9.64 -19.73 -6.81
C ASN A 177 9.91 -18.43 -6.06
N THR A 178 9.73 -18.47 -4.74
CA THR A 178 9.92 -17.31 -3.89
C THR A 178 11.29 -16.66 -3.99
N ARG A 179 12.35 -17.44 -3.79
CA ARG A 179 13.70 -16.90 -3.84
C ARG A 179 14.01 -16.18 -5.13
N GLU A 180 13.67 -16.80 -6.26
CA GLU A 180 13.94 -16.19 -7.56
C GLU A 180 13.04 -14.99 -7.82
N GLU A 181 11.79 -15.09 -7.37
CA GLU A 181 10.85 -14.00 -7.54
C GLU A 181 11.36 -12.73 -6.86
N ILE A 182 11.84 -12.89 -5.63
CA ILE A 182 12.34 -11.75 -4.88
C ILE A 182 13.68 -11.24 -5.42
N LYS A 183 14.59 -12.14 -5.75
CA LYS A 183 15.88 -11.69 -6.29
C LYS A 183 15.70 -10.91 -7.58
N LYS A 184 14.72 -11.30 -8.39
CA LYS A 184 14.48 -10.64 -9.67
C LYS A 184 13.62 -9.38 -9.63
N HIS A 185 12.66 -9.34 -8.72
CA HIS A 185 11.73 -8.22 -8.69
C HIS A 185 11.65 -7.28 -7.49
N SER A 186 12.40 -7.57 -6.43
CA SER A 186 12.40 -6.70 -5.27
C SER A 186 13.54 -5.70 -5.35
N SER A 187 13.20 -4.42 -5.41
CA SER A 187 14.20 -3.36 -5.48
C SER A 187 15.12 -3.43 -4.26
N HIS A 188 14.52 -3.63 -3.09
CA HIS A 188 15.30 -3.71 -1.86
C HIS A 188 16.21 -4.95 -1.85
N ALA A 189 15.71 -6.08 -2.36
CA ALA A 189 16.52 -7.28 -2.38
C ALA A 189 17.73 -7.04 -3.28
N LYS A 190 17.49 -6.36 -4.40
CA LYS A 190 18.57 -6.06 -5.33
C LYS A 190 19.59 -5.13 -4.70
N ARG A 191 19.13 -4.17 -3.90
CA ARG A 191 20.06 -3.27 -3.23
C ARG A 191 20.91 -4.06 -2.24
N LEU A 192 20.26 -4.95 -1.49
CA LEU A 192 20.95 -5.78 -0.51
C LEU A 192 22.00 -6.66 -1.19
N ILE A 193 21.63 -7.23 -2.34
CA ILE A 193 22.57 -8.07 -3.06
C ILE A 193 23.79 -7.25 -3.50
N SER A 194 23.55 -6.03 -3.95
CA SER A 194 24.61 -5.13 -4.38
C SER A 194 25.54 -4.74 -3.22
N LEU A 195 25.03 -4.83 -1.99
CA LEU A 195 25.81 -4.50 -0.81
C LEU A 195 26.52 -5.71 -0.24
N GLY A 196 26.32 -6.87 -0.86
CA GLY A 196 26.96 -8.10 -0.43
C GLY A 196 26.13 -9.02 0.44
N PHE A 197 24.84 -8.73 0.56
CA PHE A 197 23.94 -9.52 1.40
C PHE A 197 23.12 -10.58 0.68
N GLU A 198 23.65 -11.15 -0.40
CA GLU A 198 22.87 -12.16 -1.11
C GLU A 198 22.46 -13.33 -0.20
N ASN A 199 23.35 -13.74 0.70
CA ASN A 199 23.04 -14.84 1.61
C ASN A 199 21.80 -14.54 2.45
N ASP A 200 21.62 -13.27 2.80
CA ASP A 200 20.46 -12.84 3.58
C ASP A 200 19.17 -13.08 2.79
N ILE A 201 19.22 -12.85 1.49
CA ILE A 201 18.04 -13.05 0.65
C ILE A 201 17.63 -14.51 0.69
N GLU A 202 18.61 -15.40 0.59
CA GLU A 202 18.31 -16.83 0.62
C GLU A 202 17.81 -17.29 1.97
N PHE A 203 18.46 -16.83 3.04
CA PHE A 203 18.08 -17.21 4.40
C PHE A 203 16.68 -16.71 4.77
N CYS A 204 16.41 -15.44 4.47
CA CYS A 204 15.13 -14.85 4.81
C CYS A 204 13.94 -15.42 4.03
N THR A 205 14.20 -16.06 2.89
CA THR A 205 13.12 -16.65 2.11
C THR A 205 13.05 -18.15 2.31
N THR A 206 13.83 -18.65 3.27
CA THR A 206 13.83 -20.06 3.60
C THR A 206 12.65 -20.28 4.52
N GLU A 207 11.78 -21.23 4.16
CA GLU A 207 10.60 -21.49 4.97
C GLU A 207 10.77 -22.43 6.15
N ASP A 208 10.11 -22.06 7.24
CA ASP A 208 10.08 -22.84 8.47
C ASP A 208 11.36 -23.34 9.11
N LEU A 209 12.40 -22.51 9.12
CA LEU A 209 13.64 -22.92 9.77
C LEU A 209 13.39 -22.83 11.27
N PHE A 210 12.38 -22.06 11.65
CA PHE A 210 12.01 -21.88 13.05
C PHE A 210 10.52 -22.12 13.26
N LYS A 211 10.15 -22.47 14.48
CA LYS A 211 8.75 -22.73 14.82
C LYS A 211 8.28 -21.78 15.92
N THR A 212 8.95 -20.65 16.03
CA THR A 212 8.64 -19.66 17.05
C THR A 212 7.76 -18.54 16.50
N VAL A 213 7.10 -17.83 17.40
CA VAL A 213 6.23 -16.73 17.01
C VAL A 213 6.44 -15.57 17.98
N PRO A 214 7.31 -14.62 17.61
CA PRO A 214 7.60 -13.45 18.45
C PRO A 214 6.35 -12.62 18.71
N ALA A 215 6.17 -12.23 19.97
CA ALA A 215 5.02 -11.41 20.35
C ALA A 215 5.51 -10.11 20.97
N LEU A 216 4.94 -9.01 20.53
CA LEU A 216 5.34 -7.70 21.06
C LEU A 216 4.59 -7.52 22.36
N VAL A 217 5.30 -7.64 23.48
CA VAL A 217 4.70 -7.51 24.79
C VAL A 217 5.23 -6.25 25.46
N ASN A 218 4.37 -5.24 25.56
CA ASN A 218 4.73 -3.96 26.15
C ASN A 218 6.07 -3.44 25.63
N GLY A 219 6.14 -3.27 24.31
CA GLY A 219 7.34 -2.74 23.67
C GLY A 219 8.51 -3.66 23.44
N VAL A 220 8.41 -4.93 23.83
CA VAL A 220 9.51 -5.87 23.63
C VAL A 220 9.03 -7.16 22.99
N PHE A 221 9.71 -7.58 21.93
CA PHE A 221 9.35 -8.83 21.26
C PHE A 221 9.94 -9.98 22.06
N ILE A 222 9.07 -10.91 22.46
CA ILE A 222 9.52 -12.06 23.24
C ILE A 222 8.80 -13.32 22.77
N LEU A 223 9.19 -14.45 23.35
CA LEU A 223 8.56 -15.73 23.06
C LEU A 223 7.78 -16.11 24.31
N LYS A 224 6.46 -15.98 24.24
CA LYS A 224 5.61 -16.30 25.37
C LYS A 224 5.83 -17.73 25.85
N VAL B 2 6.03 3.37 -13.94
CA VAL B 2 7.27 2.66 -13.49
C VAL B 2 7.04 1.93 -12.17
N ASP B 3 6.30 2.54 -11.25
CA ASP B 3 6.02 1.90 -9.97
C ASP B 3 4.62 2.30 -9.51
N VAL B 4 4.10 1.57 -8.52
CA VAL B 4 2.78 1.83 -7.97
C VAL B 4 2.86 1.99 -6.46
N VAL B 5 2.17 3.00 -5.93
CA VAL B 5 2.12 3.21 -4.49
C VAL B 5 0.65 3.30 -4.09
N MET B 6 0.30 2.62 -2.99
CA MET B 6 -1.07 2.61 -2.50
C MET B 6 -1.17 3.49 -1.27
N ALA B 7 -1.89 4.61 -1.40
CA ALA B 7 -2.06 5.55 -0.30
C ALA B 7 -0.73 5.91 0.35
N PRO B 8 0.09 6.71 -0.35
CA PRO B 8 1.39 7.13 0.19
C PRO B 8 1.26 7.97 1.47
N CYS B 9 2.28 7.92 2.33
CA CYS B 9 2.27 8.65 3.59
C CYS B 9 3.14 9.90 3.55
N SER B 10 4.20 9.84 2.76
CA SER B 10 5.13 10.95 2.64
C SER B 10 5.20 11.40 1.19
N PRO B 11 5.87 12.52 0.92
CA PRO B 11 5.99 13.03 -0.46
C PRO B 11 6.68 12.07 -1.40
N VAL B 12 6.03 11.75 -2.51
CA VAL B 12 6.60 10.86 -3.50
C VAL B 12 7.03 11.70 -4.69
N GLU B 13 8.24 11.46 -5.17
CA GLU B 13 8.76 12.21 -6.31
C GLU B 13 8.82 11.38 -7.58
N CYS B 14 8.48 12.02 -8.69
CA CYS B 14 8.49 11.37 -10.00
C CYS B 14 8.39 12.46 -11.05
N ARG B 15 8.45 12.06 -12.31
CA ARG B 15 8.34 13.03 -13.40
C ARG B 15 6.89 13.09 -13.86
N THR B 16 6.23 11.95 -13.90
CA THR B 16 4.84 11.86 -14.32
C THR B 16 4.06 11.05 -13.29
N ALA B 17 3.04 11.66 -12.71
CA ALA B 17 2.22 10.98 -11.71
C ALA B 17 0.81 10.79 -12.22
N VAL B 18 0.24 9.62 -11.90
CA VAL B 18 -1.12 9.30 -12.31
C VAL B 18 -1.96 9.04 -11.08
N VAL B 19 -2.97 9.87 -10.86
CA VAL B 19 -3.85 9.72 -9.69
C VAL B 19 -4.98 8.75 -10.01
N ILE B 20 -5.19 7.77 -9.12
CA ILE B 20 -6.22 6.76 -9.31
C ILE B 20 -7.14 6.62 -8.09
N ASP B 21 -8.43 6.87 -8.30
CA ASP B 21 -9.45 6.75 -7.26
C ASP B 21 -10.63 6.28 -8.11
N VAL B 22 -10.47 5.08 -8.67
CA VAL B 22 -11.45 4.46 -9.57
C VAL B 22 -12.88 4.45 -9.10
N LEU B 23 -13.14 3.93 -7.91
CA LEU B 23 -14.51 3.93 -7.53
C LEU B 23 -14.96 5.31 -7.20
N ARG B 24 -15.28 5.95 -8.32
CA ARG B 24 -15.82 7.26 -8.42
C ARG B 24 -14.97 8.53 -8.47
N ALA B 25 -14.12 8.86 -7.49
CA ALA B 25 -13.41 10.15 -7.60
C ALA B 25 -12.74 10.48 -8.94
N THR B 26 -11.78 9.69 -9.39
CA THR B 26 -11.16 10.01 -10.67
C THR B 26 -12.11 9.67 -11.81
N SER B 27 -13.08 8.79 -11.55
CA SER B 27 -14.06 8.46 -12.58
C SER B 27 -14.99 9.67 -12.73
N THR B 28 -15.27 10.34 -11.62
CA THR B 28 -16.12 11.53 -11.63
C THR B 28 -15.37 12.67 -12.32
N ILE B 29 -14.08 12.80 -12.02
CA ILE B 29 -13.26 13.85 -12.62
C ILE B 29 -13.26 13.66 -14.14
N VAL B 30 -12.98 12.44 -14.61
CA VAL B 30 -12.96 12.17 -16.04
C VAL B 30 -14.31 12.40 -16.69
N THR B 31 -15.36 11.93 -16.06
CA THR B 31 -16.70 12.08 -16.61
C THR B 31 -17.11 13.54 -16.69
N ALA B 32 -16.89 14.29 -15.62
CA ALA B 32 -17.26 15.69 -15.60
C ALA B 32 -16.56 16.50 -16.70
N LEU B 33 -15.25 16.32 -16.83
CA LEU B 33 -14.52 17.07 -17.84
C LEU B 33 -14.88 16.63 -19.26
N SER B 34 -15.17 15.35 -19.44
CA SER B 34 -15.54 14.85 -20.75
C SER B 34 -16.93 15.36 -21.15
N ASN B 35 -17.71 15.78 -20.16
CA ASN B 35 -19.05 16.28 -20.45
C ASN B 35 -19.21 17.80 -20.36
N GLY B 36 -18.10 18.52 -20.49
CA GLY B 36 -18.17 19.97 -20.48
C GLY B 36 -17.80 20.81 -19.27
N ALA B 37 -17.50 20.20 -18.13
CA ALA B 37 -17.13 20.99 -16.96
C ALA B 37 -15.86 21.79 -17.25
N SER B 38 -15.81 23.03 -16.74
CA SER B 38 -14.62 23.87 -16.98
C SER B 38 -13.40 23.33 -16.25
N GLY B 39 -13.63 22.70 -15.10
CA GLY B 39 -12.54 22.17 -14.31
C GLY B 39 -13.07 21.52 -13.06
N VAL B 40 -12.25 20.68 -12.44
CA VAL B 40 -12.62 20.01 -11.22
C VAL B 40 -11.55 20.31 -10.19
N ILE B 41 -11.97 20.96 -9.10
CA ILE B 41 -11.07 21.37 -8.04
C ILE B 41 -11.21 20.50 -6.80
N PRO B 42 -10.24 19.61 -6.55
CA PRO B 42 -10.33 18.77 -5.36
C PRO B 42 -10.09 19.59 -4.10
N VAL B 43 -10.96 19.43 -3.10
CA VAL B 43 -10.86 20.14 -1.85
C VAL B 43 -10.91 19.14 -0.70
N LYS B 44 -10.21 19.45 0.39
CA LYS B 44 -10.12 18.57 1.55
C LYS B 44 -11.36 18.37 2.42
N THR B 45 -11.97 19.44 2.90
CA THR B 45 -13.14 19.30 3.78
C THR B 45 -14.46 19.80 3.20
N ILE B 46 -15.55 19.31 3.80
CA ILE B 46 -16.90 19.69 3.39
C ILE B 46 -17.06 21.17 3.69
N GLU B 47 -16.52 21.59 4.83
CA GLU B 47 -16.59 22.97 5.27
C GLU B 47 -16.00 23.93 4.24
N GLU B 48 -14.77 23.67 3.80
CA GLU B 48 -14.15 24.54 2.82
C GLU B 48 -14.82 24.43 1.45
N ALA B 49 -15.40 23.27 1.15
CA ALA B 49 -16.10 23.11 -0.11
C ALA B 49 -17.29 24.06 -0.11
N LEU B 50 -17.99 24.12 1.02
CA LEU B 50 -19.17 24.98 1.15
C LEU B 50 -18.82 26.46 1.06
N GLU B 51 -17.59 26.81 1.43
CA GLU B 51 -17.16 28.22 1.39
C GLU B 51 -16.90 28.68 -0.03
N LYS B 52 -16.85 27.74 -0.97
CA LYS B 52 -16.53 28.10 -2.34
C LYS B 52 -17.73 28.27 -3.28
N LYS B 53 -18.93 28.33 -2.70
CA LYS B 53 -20.13 28.51 -3.51
C LYS B 53 -20.12 29.87 -4.20
N LYS B 54 -20.52 29.89 -5.47
CA LYS B 54 -20.60 31.12 -6.25
C LYS B 54 -21.22 30.78 -7.59
N GLU B 55 -21.61 31.78 -8.37
CA GLU B 55 -22.23 31.47 -9.66
C GLU B 55 -21.26 30.71 -10.55
N GLY B 56 -21.80 29.79 -11.35
CA GLY B 56 -20.96 29.00 -12.24
C GLY B 56 -20.18 27.90 -11.56
N VAL B 57 -20.40 27.72 -10.26
CA VAL B 57 -19.71 26.69 -9.48
C VAL B 57 -20.69 25.72 -8.84
N LEU B 58 -20.33 24.44 -8.81
CA LEU B 58 -21.18 23.42 -8.19
C LEU B 58 -20.37 22.76 -7.08
N ILE B 59 -20.96 22.62 -5.91
CA ILE B 59 -20.28 21.98 -4.78
C ILE B 59 -20.66 20.51 -4.81
N CYS B 60 -19.67 19.64 -5.00
CA CYS B 60 -19.94 18.21 -5.12
C CYS B 60 -19.04 17.33 -4.28
N GLY B 61 -19.43 16.06 -4.16
CA GLY B 61 -18.63 15.13 -3.40
C GLY B 61 -19.40 14.13 -2.57
N GLU B 62 -18.69 13.53 -1.63
CA GLU B 62 -19.32 12.54 -0.76
C GLU B 62 -18.58 12.31 0.53
N ARG B 63 -19.30 11.68 1.44
CA ARG B 63 -18.80 11.24 2.73
C ARG B 63 -19.74 10.07 2.99
N ASN B 64 -19.15 8.91 3.27
CA ASN B 64 -19.94 7.71 3.50
C ASN B 64 -20.66 7.40 2.18
N ALA B 65 -20.05 7.83 1.08
CA ALA B 65 -20.54 7.63 -0.28
C ALA B 65 -21.80 8.40 -0.65
N GLN B 66 -22.27 9.25 0.25
CA GLN B 66 -23.49 10.02 -0.02
C GLN B 66 -23.23 11.52 -0.11
N LYS B 67 -24.08 12.22 -0.87
CA LYS B 67 -23.93 13.66 -1.04
C LYS B 67 -24.15 14.38 0.29
N PRO B 68 -23.18 15.22 0.70
CA PRO B 68 -23.31 15.97 1.95
C PRO B 68 -24.44 16.99 1.88
N LYS B 69 -25.02 17.31 3.02
CA LYS B 69 -26.10 18.29 3.06
C LYS B 69 -25.59 19.62 2.53
N GLY B 70 -26.38 20.26 1.68
CA GLY B 70 -26.00 21.54 1.13
C GLY B 70 -25.28 21.46 -0.21
N PHE B 71 -24.84 20.25 -0.58
CA PHE B 71 -24.13 20.06 -1.84
C PHE B 71 -25.06 19.98 -3.05
N ASN B 72 -24.49 20.25 -4.23
CA ASN B 72 -25.22 20.19 -5.48
C ASN B 72 -25.29 18.77 -6.01
N LEU B 73 -24.14 18.11 -6.10
CA LEU B 73 -24.07 16.74 -6.61
C LEU B 73 -23.26 15.83 -5.70
N GLY B 74 -23.51 14.53 -5.81
CA GLY B 74 -22.78 13.56 -5.01
C GLY B 74 -21.52 13.13 -5.75
N ASN B 75 -21.09 11.88 -5.56
CA ASN B 75 -19.88 11.41 -6.25
C ASN B 75 -20.18 10.27 -7.21
N SER B 76 -21.40 10.27 -7.76
CA SER B 76 -21.81 9.27 -8.74
C SER B 76 -21.54 9.88 -10.10
N PRO B 77 -20.65 9.26 -10.89
CA PRO B 77 -20.35 9.81 -12.22
C PRO B 77 -21.59 10.05 -13.08
N LEU B 78 -22.62 9.23 -12.88
CA LEU B 78 -23.85 9.35 -13.65
C LEU B 78 -24.57 10.68 -13.44
N GLU B 79 -24.21 11.40 -12.38
CA GLU B 79 -24.83 12.68 -12.08
C GLU B 79 -24.25 13.79 -12.93
N TYR B 80 -23.06 13.55 -13.44
CA TYR B 80 -22.33 14.54 -14.21
C TYR B 80 -22.63 14.57 -15.70
N ARG B 81 -23.89 14.81 -16.02
CA ARG B 81 -24.34 14.88 -17.40
C ARG B 81 -24.12 16.29 -17.96
N LYS B 82 -23.92 16.38 -19.26
CA LYS B 82 -23.69 17.66 -19.93
C LYS B 82 -24.70 18.74 -19.55
N GLU B 83 -25.98 18.39 -19.59
CA GLU B 83 -27.05 19.33 -19.28
C GLU B 83 -26.95 19.83 -17.84
N LYS B 84 -26.22 19.10 -17.00
CA LYS B 84 -26.09 19.47 -15.60
C LYS B 84 -24.81 20.21 -15.24
N ILE B 85 -23.71 19.87 -15.89
CA ILE B 85 -22.43 20.50 -15.55
C ILE B 85 -21.65 21.22 -16.65
N SER B 86 -22.21 21.30 -17.85
CA SER B 86 -21.50 21.98 -18.93
C SER B 86 -21.16 23.43 -18.58
N GLY B 87 -19.89 23.79 -18.72
CA GLY B 87 -19.45 25.15 -18.42
C GLY B 87 -19.32 25.50 -16.95
N LYS B 88 -19.53 24.52 -16.08
CA LYS B 88 -19.43 24.77 -14.65
C LYS B 88 -18.10 24.31 -14.06
N THR B 89 -17.68 24.98 -13.01
CA THR B 89 -16.48 24.60 -12.30
C THR B 89 -16.97 23.70 -11.18
N ILE B 90 -16.34 22.54 -11.04
CA ILE B 90 -16.72 21.59 -10.02
C ILE B 90 -15.76 21.61 -8.85
N VAL B 91 -16.27 21.89 -7.67
CA VAL B 91 -15.47 21.86 -6.45
C VAL B 91 -15.82 20.47 -5.92
N LEU B 92 -14.83 19.59 -5.87
CA LEU B 92 -15.06 18.21 -5.44
C LEU B 92 -14.33 17.81 -4.17
N THR B 93 -15.07 17.32 -3.19
CA THR B 93 -14.44 16.86 -1.96
C THR B 93 -14.96 15.47 -1.64
N THR B 94 -14.03 14.51 -1.63
CA THR B 94 -14.38 13.13 -1.35
C THR B 94 -13.57 12.66 -0.16
N THR B 95 -13.90 11.47 0.35
CA THR B 95 -13.25 10.94 1.53
C THR B 95 -11.73 11.03 1.55
N ASN B 96 -11.10 10.77 0.41
CA ASN B 96 -9.64 10.84 0.34
C ASN B 96 -9.14 12.27 0.15
N GLY B 97 -10.07 13.22 0.26
CA GLY B 97 -9.75 14.63 0.11
C GLY B 97 -8.74 15.00 -0.96
N THR B 98 -7.59 15.46 -0.50
CA THR B 98 -6.50 15.86 -1.39
C THR B 98 -5.25 15.17 -0.86
N GLN B 99 -5.46 14.16 -0.03
CA GLN B 99 -4.38 13.39 0.57
C GLN B 99 -3.35 12.88 -0.43
N VAL B 100 -3.83 12.32 -1.54
CA VAL B 100 -2.93 11.81 -2.56
C VAL B 100 -2.19 12.93 -3.28
N ILE B 101 -2.95 13.90 -3.80
CA ILE B 101 -2.37 15.01 -4.53
C ILE B 101 -1.31 15.78 -3.74
N GLU B 102 -1.59 16.05 -2.47
CA GLU B 102 -0.66 16.80 -1.62
C GLU B 102 0.70 16.15 -1.45
N LYS B 103 0.77 14.84 -1.61
CA LYS B 103 2.02 14.11 -1.46
C LYS B 103 2.79 13.94 -2.76
N ILE B 104 2.18 14.34 -3.87
CA ILE B 104 2.83 14.20 -5.17
C ILE B 104 3.74 15.38 -5.52
N ARG B 105 5.00 15.07 -5.80
CA ARG B 105 5.99 16.06 -6.19
C ARG B 105 6.36 15.67 -7.61
N SER B 106 5.63 16.23 -8.58
CA SER B 106 5.87 15.89 -9.98
C SER B 106 5.70 17.06 -10.94
N GLU B 107 6.21 16.89 -12.15
CA GLU B 107 6.12 17.92 -13.18
C GLU B 107 4.71 17.89 -13.77
N GLU B 108 4.13 16.71 -13.83
CA GLU B 108 2.80 16.54 -14.38
C GLU B 108 1.99 15.53 -13.57
N ILE B 109 0.70 15.78 -13.45
CA ILE B 109 -0.20 14.90 -12.72
C ILE B 109 -1.47 14.74 -13.53
N ILE B 110 -1.84 13.50 -13.84
CA ILE B 110 -3.05 13.26 -14.61
C ILE B 110 -3.98 12.33 -13.83
N ALA B 111 -5.24 12.29 -14.23
CA ALA B 111 -6.24 11.44 -13.58
C ALA B 111 -6.60 10.27 -14.47
N ALA B 112 -6.66 9.07 -13.89
CA ALA B 112 -6.98 7.87 -14.65
C ALA B 112 -8.13 7.07 -14.04
N SER B 113 -8.86 6.38 -14.91
CA SER B 113 -9.98 5.54 -14.52
C SER B 113 -10.11 4.52 -15.64
N PHE B 114 -11.00 3.55 -15.51
CA PHE B 114 -11.17 2.58 -16.59
C PHE B 114 -11.81 3.31 -17.77
N LEU B 115 -12.61 4.31 -17.43
CA LEU B 115 -13.30 5.13 -18.44
C LEU B 115 -12.41 5.75 -19.51
N ASN B 116 -11.16 6.08 -19.16
CA ASN B 116 -10.25 6.68 -20.12
C ASN B 116 -8.92 5.94 -20.16
N LEU B 117 -8.96 4.64 -19.89
CA LEU B 117 -7.75 3.84 -19.83
C LEU B 117 -6.85 3.87 -21.06
N SER B 118 -7.40 3.63 -22.25
CA SER B 118 -6.56 3.64 -23.44
C SER B 118 -5.90 4.99 -23.69
N ALA B 119 -6.62 6.08 -23.42
CA ALA B 119 -6.05 7.42 -23.60
C ALA B 119 -4.90 7.64 -22.62
N VAL B 120 -5.06 7.14 -21.39
CA VAL B 120 -4.03 7.26 -20.39
C VAL B 120 -2.79 6.46 -20.81
N VAL B 121 -3.00 5.24 -21.30
CA VAL B 121 -1.89 4.41 -21.73
C VAL B 121 -1.12 5.08 -22.86
N GLU B 122 -1.84 5.59 -23.85
CA GLU B 122 -1.19 6.25 -24.98
C GLU B 122 -0.39 7.47 -24.55
N TYR B 123 -0.95 8.23 -23.61
CA TYR B 123 -0.28 9.41 -23.10
C TYR B 123 1.03 9.04 -22.40
N LEU B 124 0.99 7.98 -21.61
CA LEU B 124 2.14 7.51 -20.85
C LEU B 124 3.27 6.82 -21.63
N LYS B 125 2.96 6.32 -22.83
CA LYS B 125 3.98 5.62 -23.60
C LYS B 125 5.25 6.44 -23.84
N SER B 126 5.10 7.76 -23.92
CA SER B 126 6.25 8.64 -24.16
C SER B 126 6.76 9.31 -22.89
N LYS B 127 6.33 8.81 -21.73
CA LYS B 127 6.74 9.41 -20.46
C LYS B 127 7.74 8.57 -19.69
N GLU B 128 8.56 9.24 -18.90
CA GLU B 128 9.59 8.60 -18.09
C GLU B 128 9.30 8.83 -16.61
N ASP B 129 9.89 7.99 -15.75
CA ASP B 129 9.74 8.10 -14.31
C ASP B 129 8.27 8.29 -13.91
N ILE B 130 7.47 7.26 -14.20
CA ILE B 130 6.04 7.26 -13.92
C ILE B 130 5.70 6.62 -12.59
N LEU B 131 4.82 7.27 -11.84
CA LEU B 131 4.37 6.71 -10.56
C LEU B 131 2.85 6.68 -10.60
N LEU B 132 2.27 5.51 -10.42
CA LEU B 132 0.83 5.38 -10.39
C LEU B 132 0.47 5.47 -8.91
N VAL B 133 -0.24 6.53 -8.55
CA VAL B 133 -0.61 6.75 -7.15
C VAL B 133 -2.07 6.43 -6.86
N CYS B 134 -2.31 5.32 -6.17
CA CYS B 134 -3.67 4.90 -5.81
C CYS B 134 -4.08 5.57 -4.51
N ALA B 135 -5.29 6.11 -4.46
CA ALA B 135 -5.73 6.79 -3.24
C ALA B 135 -6.09 5.85 -2.09
N GLY B 136 -6.51 4.63 -2.43
CA GLY B 136 -6.88 3.69 -1.38
C GLY B 136 -8.28 3.97 -0.86
N THR B 137 -8.73 3.18 0.11
CA THR B 137 -10.06 3.35 0.69
C THR B 137 -9.95 3.48 2.20
N ASN B 138 -10.25 4.67 2.71
CA ASN B 138 -10.17 4.94 4.14
C ASN B 138 -8.78 4.56 4.64
N GLY B 139 -7.77 4.88 3.83
CA GLY B 139 -6.40 4.58 4.21
C GLY B 139 -6.03 3.11 4.05
N ARG B 140 -6.99 2.32 3.58
CA ARG B 140 -6.77 0.89 3.36
C ARG B 140 -6.52 0.59 1.89
N PHE B 141 -6.16 -0.64 1.60
CA PHE B 141 -5.89 -1.07 0.23
C PHE B 141 -7.17 -1.01 -0.61
N SER B 142 -7.06 -0.50 -1.83
CA SER B 142 -8.22 -0.43 -2.74
C SER B 142 -8.00 -1.39 -3.89
N LEU B 143 -8.81 -2.44 -3.96
CA LEU B 143 -8.65 -3.43 -5.02
C LEU B 143 -8.84 -2.83 -6.42
N GLU B 144 -9.89 -2.02 -6.60
CA GLU B 144 -10.15 -1.43 -7.92
C GLU B 144 -9.03 -0.49 -8.37
N ASP B 145 -8.43 0.25 -7.42
CA ASP B 145 -7.34 1.15 -7.77
C ASP B 145 -6.14 0.32 -8.22
N PHE B 146 -5.84 -0.73 -7.49
CA PHE B 146 -4.71 -1.61 -7.78
C PHE B 146 -4.89 -2.31 -9.12
N LEU B 147 -6.13 -2.68 -9.44
CA LEU B 147 -6.42 -3.36 -10.68
C LEU B 147 -6.19 -2.43 -11.87
N LEU B 148 -6.64 -1.18 -11.77
CA LEU B 148 -6.44 -0.25 -12.87
C LEU B 148 -4.95 -0.02 -13.05
N ALA B 149 -4.23 0.13 -11.94
CA ALA B 149 -2.79 0.34 -11.97
C ALA B 149 -2.12 -0.82 -12.70
N GLY B 150 -2.54 -2.04 -12.38
CA GLY B 150 -1.96 -3.22 -13.03
C GLY B 150 -2.24 -3.27 -14.51
N ALA B 151 -3.44 -2.84 -14.91
CA ALA B 151 -3.83 -2.82 -16.31
C ALA B 151 -2.93 -1.85 -17.08
N ILE B 152 -2.68 -0.71 -16.47
CA ILE B 152 -1.81 0.30 -17.09
C ILE B 152 -0.40 -0.23 -17.21
N VAL B 153 0.13 -0.79 -16.13
CA VAL B 153 1.49 -1.32 -16.14
C VAL B 153 1.67 -2.35 -17.26
N LYS B 154 0.73 -3.28 -17.34
CA LYS B 154 0.80 -4.34 -18.35
C LYS B 154 0.92 -3.77 -19.76
N ARG B 155 0.17 -2.71 -20.04
CA ARG B 155 0.19 -2.11 -21.36
C ARG B 155 1.29 -1.11 -21.67
N LEU B 156 2.08 -0.74 -20.66
CA LEU B 156 3.18 0.20 -20.90
C LEU B 156 4.37 -0.61 -21.41
N LYS B 157 4.33 -1.91 -21.15
CA LYS B 157 5.38 -2.83 -21.57
C LYS B 157 6.79 -2.28 -21.30
N ARG B 158 7.07 -2.00 -20.03
CA ARG B 158 8.37 -1.49 -19.63
C ARG B 158 9.13 -2.65 -19.00
N ASN B 159 10.41 -2.44 -18.69
CA ASN B 159 11.20 -3.50 -18.07
C ASN B 159 11.81 -3.04 -16.75
N ASP B 160 11.57 -1.78 -16.39
CA ASP B 160 12.09 -1.23 -15.15
C ASP B 160 10.93 -1.06 -14.17
N LEU B 161 10.34 -2.18 -13.76
CA LEU B 161 9.21 -2.13 -12.84
C LEU B 161 9.56 -2.15 -11.35
N GLY B 162 8.99 -1.21 -10.62
CA GLY B 162 9.21 -1.14 -9.19
C GLY B 162 8.35 -2.24 -8.58
N ASP B 163 8.59 -2.57 -7.31
CA ASP B 163 7.84 -3.62 -6.61
C ASP B 163 6.33 -3.50 -6.78
N GLY B 164 5.82 -2.30 -6.59
CA GLY B 164 4.39 -2.06 -6.69
C GLY B 164 3.81 -2.33 -8.06
N ALA B 165 4.54 -1.91 -9.09
CA ALA B 165 4.12 -2.11 -10.47
C ALA B 165 4.08 -3.59 -10.79
N HIS B 166 5.11 -4.32 -10.37
CA HIS B 166 5.19 -5.75 -10.62
C HIS B 166 4.03 -6.49 -9.94
N ALA B 167 3.78 -6.18 -8.68
CA ALA B 167 2.71 -6.83 -7.95
C ALA B 167 1.36 -6.53 -8.61
N ALA B 168 1.16 -5.27 -9.00
CA ALA B 168 -0.09 -4.87 -9.63
C ALA B 168 -0.32 -5.59 -10.95
N GLU B 169 0.73 -5.73 -11.75
CA GLU B 169 0.62 -6.42 -13.03
C GLU B 169 0.28 -7.89 -12.80
N ARG B 170 0.95 -8.53 -11.84
CA ARG B 170 0.68 -9.94 -11.55
C ARG B 170 -0.77 -10.11 -11.11
N TYR B 171 -1.25 -9.20 -10.25
CA TYR B 171 -2.62 -9.28 -9.79
C TYR B 171 -3.58 -9.10 -10.98
N PHE B 172 -3.29 -8.13 -11.84
CA PHE B 172 -4.12 -7.90 -13.02
C PHE B 172 -4.25 -9.16 -13.87
N GLU B 173 -3.13 -9.85 -14.06
CA GLU B 173 -3.11 -11.07 -14.88
C GLU B 173 -3.99 -12.17 -14.33
N SER B 174 -4.33 -12.10 -13.04
CA SER B 174 -5.16 -13.13 -12.41
C SER B 174 -6.65 -12.87 -12.55
N VAL B 175 -7.00 -11.68 -12.98
CA VAL B 175 -8.40 -11.28 -13.12
C VAL B 175 -9.09 -11.77 -14.38
N GLU B 176 -10.22 -12.46 -14.20
CA GLU B 176 -10.99 -12.99 -15.31
C GLU B 176 -11.92 -11.94 -15.92
N ASN B 177 -12.50 -11.09 -15.08
CA ASN B 177 -13.42 -10.05 -15.53
C ASN B 177 -13.40 -8.89 -14.54
N THR B 178 -12.96 -7.72 -15.00
CA THR B 178 -12.87 -6.55 -14.13
C THR B 178 -14.14 -6.26 -13.33
N ARG B 179 -15.27 -6.16 -14.03
CA ARG B 179 -16.53 -5.87 -13.35
C ARG B 179 -16.88 -6.85 -12.23
N GLU B 180 -16.86 -8.14 -12.55
CA GLU B 180 -17.17 -9.19 -11.57
C GLU B 180 -16.18 -9.20 -10.42
N GLU B 181 -14.92 -9.04 -10.75
CA GLU B 181 -13.84 -9.04 -9.78
C GLU B 181 -14.03 -7.97 -8.72
N ILE B 182 -14.33 -6.75 -9.17
CA ILE B 182 -14.54 -5.65 -8.25
C ILE B 182 -15.83 -5.77 -7.46
N LYS B 183 -16.92 -6.15 -8.11
CA LYS B 183 -18.18 -6.31 -7.38
C LYS B 183 -18.04 -7.36 -6.27
N LYS B 184 -17.28 -8.41 -6.55
CA LYS B 184 -17.12 -9.50 -5.59
C LYS B 184 -16.06 -9.35 -4.51
N HIS B 185 -14.96 -8.69 -4.85
CA HIS B 185 -13.85 -8.57 -3.92
C HIS B 185 -13.46 -7.20 -3.36
N SER B 186 -14.06 -6.12 -3.86
CA SER B 186 -13.77 -4.78 -3.36
C SER B 186 -14.74 -4.40 -2.23
N SER B 187 -14.18 -4.00 -1.09
CA SER B 187 -15.01 -3.63 0.05
C SER B 187 -15.82 -2.37 -0.25
N HIS B 188 -15.21 -1.42 -0.95
CA HIS B 188 -15.90 -0.19 -1.28
C HIS B 188 -17.01 -0.47 -2.30
N ALA B 189 -16.75 -1.40 -3.22
CA ALA B 189 -17.76 -1.75 -4.20
C ALA B 189 -18.98 -2.31 -3.48
N LYS B 190 -18.74 -3.14 -2.47
CA LYS B 190 -19.84 -3.73 -1.71
C LYS B 190 -20.63 -2.63 -1.00
N ARG B 191 -19.91 -1.66 -0.44
CA ARG B 191 -20.57 -0.55 0.24
C ARG B 191 -21.41 0.21 -0.76
N LEU B 192 -20.85 0.48 -1.94
CA LEU B 192 -21.60 1.19 -2.96
C LEU B 192 -22.85 0.41 -3.37
N ILE B 193 -22.72 -0.90 -3.57
CA ILE B 193 -23.88 -1.70 -3.95
C ILE B 193 -24.96 -1.62 -2.88
N SER B 194 -24.56 -1.67 -1.61
CA SER B 194 -25.52 -1.63 -0.51
C SER B 194 -26.30 -0.33 -0.45
N LEU B 195 -25.72 0.74 -1.00
CA LEU B 195 -26.36 2.04 -1.02
C LEU B 195 -27.12 2.32 -2.32
N GLY B 196 -27.18 1.32 -3.19
CA GLY B 196 -27.89 1.46 -4.46
C GLY B 196 -27.06 2.00 -5.61
N PHE B 197 -25.74 1.93 -5.48
CA PHE B 197 -24.84 2.43 -6.51
C PHE B 197 -24.18 1.35 -7.37
N GLU B 198 -24.80 0.18 -7.49
CA GLU B 198 -24.20 -0.86 -8.32
C GLU B 198 -24.00 -0.37 -9.75
N ASN B 199 -24.90 0.51 -10.20
CA ASN B 199 -24.81 1.06 -11.54
C ASN B 199 -23.51 1.83 -11.72
N ASP B 200 -23.06 2.49 -10.65
CA ASP B 200 -21.81 3.25 -10.70
C ASP B 200 -20.63 2.32 -10.93
N ILE B 201 -20.67 1.15 -10.31
CA ILE B 201 -19.58 0.20 -10.47
C ILE B 201 -19.49 -0.25 -11.92
N GLU B 202 -20.65 -0.50 -12.52
CA GLU B 202 -20.67 -0.93 -13.91
C GLU B 202 -20.16 0.19 -14.84
N PHE B 203 -20.58 1.42 -14.57
CA PHE B 203 -20.14 2.55 -15.38
C PHE B 203 -18.64 2.79 -15.24
N CYS B 204 -18.19 2.83 -13.99
CA CYS B 204 -16.79 3.10 -13.69
C CYS B 204 -15.83 2.03 -14.20
N THR B 205 -16.32 0.82 -14.47
CA THR B 205 -15.47 -0.24 -14.98
C THR B 205 -15.65 -0.45 -16.48
N THR B 206 -16.42 0.43 -17.12
CA THR B 206 -16.63 0.33 -18.56
C THR B 206 -15.46 1.06 -19.22
N GLU B 207 -14.61 0.31 -19.89
CA GLU B 207 -13.44 0.90 -20.52
C GLU B 207 -13.68 1.77 -21.74
N ASP B 208 -12.91 2.85 -21.79
CA ASP B 208 -12.88 3.78 -22.90
C ASP B 208 -14.15 4.44 -23.40
N LEU B 209 -14.99 4.91 -22.48
CA LEU B 209 -16.18 5.63 -22.87
C LEU B 209 -15.73 7.05 -23.23
N PHE B 210 -14.54 7.41 -22.75
CA PHE B 210 -13.96 8.72 -23.01
C PHE B 210 -12.50 8.58 -23.44
N LYS B 211 -12.02 9.57 -24.19
CA LYS B 211 -10.65 9.57 -24.69
C LYS B 211 -9.88 10.77 -24.17
N THR B 212 -10.31 11.29 -23.02
CA THR B 212 -9.67 12.45 -22.42
C THR B 212 -8.63 12.08 -21.37
N VAL B 213 -7.75 13.03 -21.08
CA VAL B 213 -6.72 12.82 -20.07
C VAL B 213 -6.61 14.08 -19.22
N PRO B 214 -7.38 14.13 -18.13
CA PRO B 214 -7.38 15.28 -17.22
C PRO B 214 -5.99 15.52 -16.63
N ALA B 215 -5.58 16.78 -16.59
CA ALA B 215 -4.30 17.16 -16.03
C ALA B 215 -4.53 18.12 -14.88
N LEU B 216 -3.74 17.98 -13.81
CA LEU B 216 -3.86 18.87 -12.66
C LEU B 216 -2.95 20.08 -12.91
N VAL B 217 -3.57 21.26 -13.03
CA VAL B 217 -2.83 22.49 -13.26
C VAL B 217 -3.23 23.48 -12.20
N ASN B 218 -2.30 23.81 -11.31
CA ASN B 218 -2.57 24.75 -10.24
C ASN B 218 -3.78 24.34 -9.40
N GLY B 219 -3.86 23.06 -9.08
CA GLY B 219 -4.95 22.56 -8.25
C GLY B 219 -6.29 22.35 -8.92
N VAL B 220 -6.33 22.43 -10.24
CA VAL B 220 -7.57 22.24 -10.97
C VAL B 220 -7.37 21.19 -12.06
N PHE B 221 -8.21 20.15 -12.08
CA PHE B 221 -8.09 19.17 -13.16
C PHE B 221 -8.80 19.76 -14.37
N ILE B 222 -8.09 19.80 -15.48
CA ILE B 222 -8.66 20.35 -16.71
C ILE B 222 -8.24 19.53 -17.91
N LEU B 223 -8.74 19.93 -19.08
CA LEU B 223 -8.38 19.27 -20.33
C LEU B 223 -7.49 20.29 -21.03
N LYS B 224 -6.38 19.83 -21.58
CA LYS B 224 -5.43 20.71 -22.26
C LYS B 224 -4.73 19.94 -23.36
N GLU B 225 -4.16 20.66 -24.32
CA GLU B 225 -3.45 20.01 -25.41
C GLU B 225 -2.06 19.60 -24.93
#